data_7W8Z
#
_entry.id   7W8Z
#
_entity_poly.entity_id   1
_entity_poly.type   'polypeptide(L)'
_entity_poly.pdbx_seq_one_letter_code
;SCPPCHGRPTCTKPGDNATPEKLAKYQACWELLTCPPC
;
_entity_poly.pdbx_strand_id   A
#
# COMPACT_ATOMS: atom_id res chain seq x y z
N SER A 1 11.59 6.45 2.62
CA SER A 1 10.43 6.15 1.75
C SER A 1 9.76 4.83 2.11
N CYS A 2 10.20 4.23 3.22
CA CYS A 2 9.60 3.00 3.70
C CYS A 2 8.56 3.29 4.78
N PRO A 3 7.39 2.63 4.69
CA PRO A 3 6.30 2.84 5.65
C PRO A 3 6.54 2.15 6.98
N PRO A 4 6.27 2.84 8.09
CA PRO A 4 6.43 2.28 9.44
C PRO A 4 5.49 1.10 9.68
N CYS A 5 6.05 0.02 10.21
CA CYS A 5 5.29 -1.21 10.41
C CYS A 5 4.97 -1.44 11.88
N HIS A 6 4.45 -0.41 12.52
CA HIS A 6 4.05 -0.50 13.92
C HIS A 6 2.54 -0.31 14.03
N GLY A 7 1.88 -0.29 12.89
CA GLY A 7 0.45 -0.07 12.84
C GLY A 7 0.06 0.49 11.49
N ARG A 8 0.55 -0.15 10.44
CA ARG A 8 0.41 0.34 9.09
C ARG A 8 -0.82 -0.24 8.41
N PRO A 9 -1.31 0.45 7.37
CA PRO A 9 -2.28 -0.12 6.44
C PRO A 9 -1.66 -1.28 5.68
N THR A 10 -2.43 -2.36 5.54
CA THR A 10 -1.94 -3.53 4.82
C THR A 10 -1.99 -3.30 3.32
N CYS A 11 -3.00 -2.53 2.92
CA CYS A 11 -3.26 -2.18 1.52
C CYS A 11 -2.81 -3.25 0.53
N THR A 12 -3.41 -4.41 0.65
CA THR A 12 -3.08 -5.55 -0.19
C THR A 12 -4.04 -5.65 -1.36
N LYS A 13 -5.17 -4.97 -1.25
CA LYS A 13 -6.14 -4.90 -2.34
C LYS A 13 -5.54 -4.22 -3.56
N PRO A 14 -5.80 -4.75 -4.77
CA PRO A 14 -5.21 -4.24 -6.00
C PRO A 14 -5.93 -3.01 -6.58
N GLY A 15 -6.99 -2.57 -5.91
CA GLY A 15 -7.73 -1.44 -6.41
C GLY A 15 -8.82 -1.86 -7.38
N ASP A 16 -9.37 -3.04 -7.17
CA ASP A 16 -10.46 -3.54 -8.00
C ASP A 16 -11.78 -2.91 -7.58
N ASN A 17 -11.94 -2.73 -6.27
CA ASN A 17 -13.12 -2.06 -5.74
C ASN A 17 -12.89 -0.56 -5.66
N ALA A 18 -11.78 -0.13 -6.23
CA ALA A 18 -11.39 1.26 -6.21
C ALA A 18 -11.19 1.77 -7.63
N THR A 19 -11.44 3.05 -7.83
CA THR A 19 -11.27 3.67 -9.14
C THR A 19 -10.54 5.03 -9.04
N PRO A 20 -11.01 5.96 -8.18
CA PRO A 20 -10.34 7.25 -7.98
C PRO A 20 -8.99 7.09 -7.30
N GLU A 21 -8.37 8.20 -6.94
CA GLU A 21 -7.13 8.21 -6.15
C GLU A 21 -7.20 7.27 -4.94
N LYS A 22 -8.40 6.80 -4.60
CA LYS A 22 -8.58 5.83 -3.54
C LYS A 22 -7.74 4.58 -3.78
N LEU A 23 -7.49 4.26 -5.06
CA LEU A 23 -6.65 3.10 -5.38
C LEU A 23 -5.17 3.46 -5.36
N ALA A 24 -4.88 4.75 -5.49
CA ALA A 24 -3.50 5.23 -5.50
C ALA A 24 -2.78 4.77 -4.25
N LYS A 25 -3.53 4.73 -3.15
CA LYS A 25 -3.03 4.21 -1.88
C LYS A 25 -2.46 2.81 -2.07
N TYR A 26 -3.30 1.92 -2.61
CA TYR A 26 -2.94 0.53 -2.80
C TYR A 26 -1.83 0.38 -3.82
N GLN A 27 -1.91 1.17 -4.87
CA GLN A 27 -0.91 1.15 -5.93
C GLN A 27 0.46 1.48 -5.37
N ALA A 28 0.53 2.56 -4.62
CA ALA A 28 1.76 3.00 -3.99
C ALA A 28 2.21 1.98 -2.95
N CYS A 29 1.25 1.46 -2.20
CA CYS A 29 1.51 0.48 -1.16
C CYS A 29 2.13 -0.78 -1.74
N TRP A 30 1.60 -1.23 -2.87
CA TRP A 30 2.11 -2.40 -3.57
C TRP A 30 3.54 -2.20 -4.01
N GLU A 31 3.85 -0.98 -4.43
CA GLU A 31 5.19 -0.65 -4.86
C GLU A 31 6.16 -0.61 -3.68
N LEU A 32 5.61 -0.39 -2.48
CA LEU A 32 6.40 -0.32 -1.27
C LEU A 32 6.92 -1.69 -0.86
N LEU A 33 6.40 -2.74 -1.50
CA LEU A 33 6.84 -4.10 -1.21
C LEU A 33 8.31 -4.30 -1.58
N THR A 34 8.86 -3.33 -2.29
CA THR A 34 10.27 -3.32 -2.63
C THR A 34 11.13 -3.11 -1.38
N CYS A 35 10.54 -2.45 -0.38
CA CYS A 35 11.21 -2.24 0.89
C CYS A 35 10.66 -3.21 1.92
N PRO A 36 11.54 -4.02 2.54
CA PRO A 36 11.12 -5.01 3.52
C PRO A 36 10.77 -4.38 4.87
N PRO A 37 9.59 -4.72 5.41
CA PRO A 37 9.16 -4.26 6.72
C PRO A 37 9.68 -5.15 7.84
N CYS A 38 9.39 -4.77 9.07
CA CYS A 38 9.85 -5.49 10.25
C CYS A 38 9.17 -6.85 10.35
N SER A 1 10.25 7.17 2.10
CA SER A 1 10.44 6.60 3.45
C SER A 1 9.60 5.34 3.61
N CYS A 2 10.16 4.35 4.29
CA CYS A 2 9.46 3.09 4.48
C CYS A 2 8.83 3.04 5.86
N PRO A 3 7.54 2.70 5.92
CA PRO A 3 6.81 2.57 7.19
C PRO A 3 7.43 1.50 8.10
N PRO A 4 7.48 1.77 9.41
CA PRO A 4 8.04 0.85 10.41
C PRO A 4 7.43 -0.55 10.32
N CYS A 5 8.23 -1.54 10.69
CA CYS A 5 7.82 -2.94 10.59
C CYS A 5 6.76 -3.29 11.61
N HIS A 6 6.59 -2.44 12.61
CA HIS A 6 5.54 -2.61 13.61
C HIS A 6 4.40 -1.63 13.36
N GLY A 7 4.36 -1.10 12.16
CA GLY A 7 3.34 -0.15 11.78
C GLY A 7 3.22 -0.06 10.28
N ARG A 8 3.11 -1.23 9.66
CA ARG A 8 3.12 -1.35 8.22
C ARG A 8 1.81 -0.85 7.61
N PRO A 9 1.85 -0.48 6.32
CA PRO A 9 0.66 -0.04 5.59
C PRO A 9 -0.49 -1.01 5.69
N THR A 10 -1.68 -0.48 5.96
CA THR A 10 -2.86 -1.30 6.10
C THR A 10 -3.59 -1.40 4.77
N CYS A 11 -3.18 -0.56 3.84
CA CYS A 11 -3.71 -0.55 2.49
C CYS A 11 -3.03 -1.62 1.64
N THR A 12 -3.64 -2.80 1.57
CA THR A 12 -3.03 -3.92 0.86
C THR A 12 -3.90 -4.37 -0.30
N LYS A 13 -5.05 -3.72 -0.47
CA LYS A 13 -5.95 -4.03 -1.55
C LYS A 13 -5.28 -3.73 -2.89
N PRO A 14 -5.46 -4.60 -3.89
CA PRO A 14 -4.85 -4.41 -5.21
C PRO A 14 -5.58 -3.40 -6.09
N GLY A 15 -6.70 -2.86 -5.58
CA GLY A 15 -7.46 -1.90 -6.35
C GLY A 15 -8.39 -2.57 -7.34
N ASP A 16 -8.75 -3.82 -7.07
CA ASP A 16 -9.65 -4.57 -7.94
C ASP A 16 -11.08 -4.04 -7.83
N ASN A 17 -11.42 -3.56 -6.65
CA ASN A 17 -12.75 -2.97 -6.42
C ASN A 17 -12.67 -1.46 -6.48
N ALA A 18 -11.50 -0.98 -6.88
CA ALA A 18 -11.26 0.45 -6.96
C ALA A 18 -11.08 0.88 -8.42
N THR A 19 -11.54 2.07 -8.74
CA THR A 19 -11.48 2.60 -10.08
C THR A 19 -10.84 4.00 -10.11
N PRO A 20 -11.38 4.99 -9.35
CA PRO A 20 -10.80 6.34 -9.32
C PRO A 20 -9.45 6.39 -8.61
N GLU A 21 -8.92 7.60 -8.44
CA GLU A 21 -7.68 7.83 -7.69
C GLU A 21 -7.67 7.14 -6.32
N LYS A 22 -8.83 6.63 -5.90
CA LYS A 22 -8.92 5.87 -4.68
C LYS A 22 -7.96 4.68 -4.72
N LEU A 23 -7.67 4.16 -5.92
CA LEU A 23 -6.72 3.06 -6.05
C LEU A 23 -5.29 3.57 -6.09
N ALA A 24 -5.12 4.85 -6.40
CA ALA A 24 -3.80 5.46 -6.47
C ALA A 24 -3.10 5.35 -5.13
N LYS A 25 -3.91 5.37 -4.07
CA LYS A 25 -3.41 5.11 -2.72
C LYS A 25 -2.78 3.73 -2.66
N TYR A 26 -3.55 2.74 -3.05
CA TYR A 26 -3.16 1.36 -2.95
C TYR A 26 -1.97 1.03 -3.83
N GLN A 27 -1.89 1.72 -4.96
CA GLN A 27 -0.74 1.56 -5.84
C GLN A 27 0.53 2.03 -5.15
N ALA A 28 0.44 3.18 -4.49
CA ALA A 28 1.55 3.73 -3.73
C ALA A 28 1.87 2.82 -2.53
N CYS A 29 0.82 2.37 -1.86
CA CYS A 29 0.95 1.44 -0.76
C CYS A 29 1.67 0.17 -1.21
N TRP A 30 1.33 -0.32 -2.39
CA TRP A 30 1.92 -1.52 -2.93
C TRP A 30 3.40 -1.32 -3.25
N GLU A 31 3.79 -0.08 -3.49
CA GLU A 31 5.20 0.24 -3.65
C GLU A 31 5.90 0.25 -2.30
N LEU A 32 5.11 0.44 -1.24
CA LEU A 32 5.62 0.36 0.11
C LEU A 32 5.66 -1.10 0.58
N LEU A 33 4.73 -1.91 0.07
CA LEU A 33 4.70 -3.33 0.40
C LEU A 33 5.87 -4.08 -0.20
N THR A 34 6.40 -3.53 -1.28
CA THR A 34 7.58 -4.10 -1.91
C THR A 34 8.83 -3.72 -1.13
N CYS A 35 8.71 -2.70 -0.28
CA CYS A 35 9.75 -2.38 0.67
C CYS A 35 9.79 -3.46 1.74
N PRO A 36 10.95 -4.12 1.91
CA PRO A 36 11.08 -5.30 2.77
C PRO A 36 10.71 -5.03 4.22
N PRO A 37 9.83 -5.87 4.78
CA PRO A 37 9.46 -5.82 6.19
C PRO A 37 10.46 -6.58 7.06
N CYS A 38 10.26 -6.51 8.37
CA CYS A 38 11.19 -7.11 9.31
C CYS A 38 10.74 -8.53 9.67
N SER A 1 11.63 7.11 3.67
CA SER A 1 11.80 6.12 4.75
C SER A 1 10.58 5.23 4.85
N CYS A 2 10.80 3.93 4.74
CA CYS A 2 9.72 2.96 4.79
C CYS A 2 9.10 2.93 6.19
N PRO A 3 7.77 2.82 6.25
CA PRO A 3 7.03 2.76 7.53
C PRO A 3 7.54 1.64 8.44
N PRO A 4 7.43 1.86 9.77
CA PRO A 4 7.98 0.96 10.78
C PRO A 4 7.36 -0.43 10.71
N CYS A 5 8.12 -1.41 11.18
CA CYS A 5 7.78 -2.81 11.04
C CYS A 5 6.49 -3.17 11.78
N HIS A 6 6.15 -2.39 12.80
CA HIS A 6 4.92 -2.59 13.55
C HIS A 6 3.95 -1.44 13.32
N GLY A 7 4.08 -0.81 12.16
CA GLY A 7 3.18 0.24 11.76
C GLY A 7 3.00 0.22 10.25
N ARG A 8 2.94 -0.98 9.71
CA ARG A 8 2.93 -1.19 8.28
C ARG A 8 1.57 -0.87 7.68
N PRO A 9 1.60 -0.42 6.42
CA PRO A 9 0.39 -0.13 5.63
C PRO A 9 -0.64 -1.26 5.66
N THR A 10 -1.89 -0.88 5.88
CA THR A 10 -2.97 -1.84 5.98
C THR A 10 -3.51 -2.20 4.61
N CYS A 11 -3.22 -1.33 3.66
CA CYS A 11 -3.65 -1.47 2.28
C CYS A 11 -3.20 -2.80 1.70
N THR A 12 -4.15 -3.73 1.61
CA THR A 12 -3.90 -5.04 1.10
C THR A 12 -4.53 -5.21 -0.28
N LYS A 13 -5.67 -4.58 -0.49
CA LYS A 13 -6.35 -4.62 -1.79
C LYS A 13 -5.76 -3.55 -2.72
N PRO A 14 -5.49 -3.92 -3.98
CA PRO A 14 -4.85 -3.02 -4.94
C PRO A 14 -5.84 -2.10 -5.67
N GLY A 15 -7.13 -2.29 -5.45
CA GLY A 15 -8.13 -1.50 -6.13
C GLY A 15 -8.94 -2.33 -7.10
N ASP A 16 -9.42 -3.47 -6.65
CA ASP A 16 -10.22 -4.36 -7.48
C ASP A 16 -11.57 -3.72 -7.80
N ASN A 17 -12.20 -3.19 -6.77
CA ASN A 17 -13.49 -2.52 -6.91
C ASN A 17 -13.26 -1.02 -7.07
N ALA A 18 -12.00 -0.65 -7.21
CA ALA A 18 -11.62 0.75 -7.30
C ALA A 18 -11.20 1.11 -8.72
N THR A 19 -11.40 2.37 -9.09
CA THR A 19 -11.03 2.85 -10.41
C THR A 19 -10.40 4.26 -10.35
N PRO A 20 -11.07 5.24 -9.69
CA PRO A 20 -10.52 6.60 -9.56
C PRO A 20 -9.28 6.62 -8.66
N GLU A 21 -8.78 7.81 -8.38
CA GLU A 21 -7.61 7.99 -7.51
C GLU A 21 -7.75 7.24 -6.17
N LYS A 22 -8.96 6.75 -5.88
CA LYS A 22 -9.18 5.95 -4.68
C LYS A 22 -8.19 4.78 -4.63
N LEU A 23 -7.83 4.24 -5.79
CA LEU A 23 -6.88 3.13 -5.83
C LEU A 23 -5.44 3.62 -5.80
N ALA A 24 -5.23 4.88 -6.13
CA ALA A 24 -3.89 5.46 -6.17
C ALA A 24 -3.17 5.23 -4.85
N LYS A 25 -3.93 5.38 -3.77
CA LYS A 25 -3.45 5.09 -2.42
C LYS A 25 -2.88 3.68 -2.36
N TYR A 26 -3.70 2.72 -2.78
CA TYR A 26 -3.37 1.31 -2.68
C TYR A 26 -2.27 0.90 -3.63
N GLN A 27 -2.27 1.50 -4.81
CA GLN A 27 -1.30 1.17 -5.83
C GLN A 27 0.09 1.60 -5.40
N ALA A 28 0.17 2.81 -4.89
CA ALA A 28 1.43 3.34 -4.35
C ALA A 28 1.85 2.53 -3.13
N CYS A 29 0.88 2.17 -2.32
CA CYS A 29 1.09 1.32 -1.15
C CYS A 29 1.74 0.01 -1.57
N TRP A 30 1.13 -0.67 -2.55
CA TRP A 30 1.63 -1.94 -3.03
C TRP A 30 3.03 -1.82 -3.59
N GLU A 31 3.32 -0.71 -4.26
CA GLU A 31 4.65 -0.48 -4.81
C GLU A 31 5.66 -0.26 -3.69
N LEU A 32 5.17 0.11 -2.51
CA LEU A 32 6.01 0.37 -1.36
C LEU A 32 6.30 -0.94 -0.61
N LEU A 33 5.47 -1.97 -0.84
CA LEU A 33 5.68 -3.27 -0.22
C LEU A 33 6.94 -3.94 -0.74
N THR A 34 7.56 -3.30 -1.72
CA THR A 34 8.86 -3.74 -2.22
C THR A 34 9.93 -3.54 -1.16
N CYS A 35 9.63 -2.67 -0.21
CA CYS A 35 10.52 -2.41 0.90
C CYS A 35 10.17 -3.32 2.08
N PRO A 36 11.00 -4.33 2.34
CA PRO A 36 10.75 -5.33 3.39
C PRO A 36 10.97 -4.77 4.79
N PRO A 37 10.08 -5.11 5.74
CA PRO A 37 10.21 -4.70 7.14
C PRO A 37 11.09 -5.67 7.94
N CYS A 38 11.33 -5.30 9.19
CA CYS A 38 12.17 -6.08 10.08
C CYS A 38 11.33 -7.12 10.82
N SER A 1 10.83 6.97 2.13
CA SER A 1 10.68 6.41 3.48
C SER A 1 9.41 5.56 3.57
N CYS A 2 9.59 4.27 3.77
CA CYS A 2 8.47 3.34 3.86
C CYS A 2 7.78 3.46 5.22
N PRO A 3 6.44 3.48 5.22
CA PRO A 3 5.66 3.54 6.47
C PRO A 3 5.80 2.27 7.30
N PRO A 4 6.01 2.42 8.61
CA PRO A 4 6.16 1.30 9.55
C PRO A 4 4.93 0.39 9.56
N CYS A 5 5.20 -0.91 9.59
CA CYS A 5 4.15 -1.94 9.53
C CYS A 5 3.20 -1.83 10.71
N HIS A 6 3.69 -1.30 11.83
CA HIS A 6 2.88 -1.12 13.03
C HIS A 6 1.75 -0.12 12.80
N GLY A 7 1.94 0.73 11.81
CA GLY A 7 0.93 1.71 11.47
C GLY A 7 0.78 1.83 9.97
N ARG A 8 0.87 0.70 9.29
CA ARG A 8 0.81 0.67 7.84
C ARG A 8 -0.60 0.98 7.34
N PRO A 9 -0.75 1.28 6.04
CA PRO A 9 -2.06 1.52 5.43
C PRO A 9 -2.93 0.27 5.40
N THR A 10 -4.22 0.50 5.16
CA THR A 10 -5.24 -0.54 5.20
C THR A 10 -5.26 -1.33 3.88
N CYS A 11 -4.32 -0.98 3.02
CA CYS A 11 -4.20 -1.61 1.71
C CYS A 11 -3.88 -3.10 1.81
N THR A 12 -4.92 -3.89 1.97
CA THR A 12 -4.81 -5.33 1.89
C THR A 12 -5.76 -5.86 0.83
N LYS A 13 -6.66 -4.98 0.40
CA LYS A 13 -7.59 -5.29 -0.67
C LYS A 13 -6.88 -5.18 -2.01
N PRO A 14 -7.28 -6.01 -2.99
CA PRO A 14 -6.64 -6.04 -4.31
C PRO A 14 -6.91 -4.77 -5.14
N GLY A 15 -7.85 -3.94 -4.69
CA GLY A 15 -8.17 -2.75 -5.43
C GLY A 15 -9.09 -3.03 -6.59
N ASP A 16 -9.83 -4.13 -6.47
CA ASP A 16 -10.71 -4.60 -7.55
C ASP A 16 -11.83 -3.62 -7.81
N ASN A 17 -12.48 -3.16 -6.75
CA ASN A 17 -13.57 -2.21 -6.86
C ASN A 17 -13.06 -0.78 -6.62
N ALA A 18 -11.75 -0.66 -6.51
CA ALA A 18 -11.14 0.64 -6.27
C ALA A 18 -10.97 1.41 -7.58
N THR A 19 -10.96 2.73 -7.50
CA THR A 19 -10.87 3.57 -8.67
C THR A 19 -10.30 4.96 -8.33
N PRO A 20 -10.91 5.69 -7.36
CA PRO A 20 -10.39 6.98 -6.89
C PRO A 20 -8.99 6.87 -6.28
N GLU A 21 -8.53 7.95 -5.65
CA GLU A 21 -7.26 7.97 -4.92
C GLU A 21 -7.04 6.72 -4.03
N LYS A 22 -8.10 5.93 -3.83
CA LYS A 22 -7.95 4.63 -3.18
C LYS A 22 -6.86 3.81 -3.87
N LEU A 23 -6.79 3.93 -5.20
CA LEU A 23 -5.75 3.23 -5.96
C LEU A 23 -4.38 3.84 -5.73
N ALA A 24 -4.36 5.14 -5.44
CA ALA A 24 -3.10 5.82 -5.14
C ALA A 24 -2.46 5.17 -3.92
N LYS A 25 -3.31 4.72 -3.01
CA LYS A 25 -2.88 3.98 -1.83
C LYS A 25 -2.23 2.67 -2.25
N TYR A 26 -2.89 1.95 -3.17
CA TYR A 26 -2.44 0.64 -3.57
C TYR A 26 -1.17 0.71 -4.39
N GLN A 27 -1.05 1.76 -5.18
CA GLN A 27 0.16 2.00 -5.96
C GLN A 27 1.35 2.21 -5.03
N ALA A 28 1.10 2.93 -3.95
CA ALA A 28 2.11 3.19 -2.94
C ALA A 28 2.46 1.91 -2.19
N CYS A 29 1.43 1.16 -1.83
CA CYS A 29 1.62 -0.08 -1.09
C CYS A 29 2.28 -1.14 -1.97
N TRP A 30 2.13 -0.98 -3.28
CA TRP A 30 2.79 -1.85 -4.24
C TRP A 30 4.27 -1.50 -4.34
N GLU A 31 4.58 -0.22 -4.19
CA GLU A 31 5.96 0.23 -4.15
C GLU A 31 6.67 -0.34 -2.94
N LEU A 32 5.91 -0.66 -1.89
CA LEU A 32 6.46 -1.23 -0.68
C LEU A 32 6.98 -2.64 -0.90
N LEU A 33 6.66 -3.26 -2.04
CA LEU A 33 7.11 -4.61 -2.32
C LEU A 33 8.60 -4.66 -2.64
N THR A 34 9.15 -3.50 -2.98
CA THR A 34 10.57 -3.40 -3.24
C THR A 34 11.29 -2.77 -2.05
N CYS A 35 10.58 -2.72 -0.93
CA CYS A 35 11.10 -2.15 0.30
C CYS A 35 11.25 -3.26 1.33
N PRO A 36 12.29 -3.18 2.20
CA PRO A 36 12.50 -4.16 3.28
C PRO A 36 11.23 -4.47 4.05
N PRO A 37 10.92 -5.77 4.23
CA PRO A 37 9.67 -6.22 4.85
C PRO A 37 9.68 -6.06 6.37
N CYS A 38 8.55 -6.37 6.97
CA CYS A 38 8.35 -6.22 8.40
C CYS A 38 9.23 -7.22 9.16
N SER A 1 9.94 6.48 1.04
CA SER A 1 9.97 6.32 2.51
C SER A 1 9.37 4.97 2.91
N CYS A 2 9.95 4.34 3.91
CA CYS A 2 9.49 3.03 4.34
C CYS A 2 8.65 3.12 5.62
N PRO A 3 7.42 2.59 5.57
CA PRO A 3 6.56 2.48 6.75
C PRO A 3 7.04 1.37 7.69
N PRO A 4 6.72 1.47 8.99
CA PRO A 4 7.15 0.50 10.00
C PRO A 4 6.66 -0.91 9.68
N CYS A 5 7.56 -1.88 9.81
CA CYS A 5 7.26 -3.27 9.50
C CYS A 5 6.23 -3.84 10.49
N HIS A 6 6.14 -3.23 11.66
CA HIS A 6 5.18 -3.65 12.68
C HIS A 6 3.98 -2.71 12.69
N GLY A 7 3.80 -1.99 11.58
CA GLY A 7 2.74 -1.02 11.48
C GLY A 7 2.52 -0.63 10.04
N ARG A 8 2.27 -1.63 9.22
CA ARG A 8 2.17 -1.45 7.79
C ARG A 8 0.90 -0.71 7.41
N PRO A 9 0.95 0.06 6.30
CA PRO A 9 -0.20 0.78 5.75
C PRO A 9 -1.46 -0.08 5.72
N THR A 10 -2.58 0.51 6.09
CA THR A 10 -3.84 -0.21 6.18
C THR A 10 -4.42 -0.43 4.79
N CYS A 11 -3.91 0.32 3.84
CA CYS A 11 -4.30 0.18 2.44
C CYS A 11 -3.61 -1.06 1.84
N THR A 12 -4.28 -2.19 1.96
CA THR A 12 -3.72 -3.45 1.51
C THR A 12 -4.43 -3.96 0.26
N LYS A 13 -5.61 -3.42 -0.03
CA LYS A 13 -6.31 -3.75 -1.26
C LYS A 13 -5.47 -3.36 -2.48
N PRO A 14 -5.48 -4.18 -3.54
CA PRO A 14 -4.66 -3.92 -4.74
C PRO A 14 -5.28 -2.90 -5.68
N GLY A 15 -6.48 -2.43 -5.36
CA GLY A 15 -7.16 -1.49 -6.22
C GLY A 15 -8.13 -2.17 -7.17
N ASP A 16 -8.30 -3.47 -6.99
CA ASP A 16 -9.23 -4.24 -7.82
C ASP A 16 -10.67 -3.82 -7.52
N ASN A 17 -10.91 -3.51 -6.26
CA ASN A 17 -12.23 -3.07 -5.81
C ASN A 17 -12.37 -1.56 -5.98
N ALA A 18 -11.40 -0.95 -6.64
CA ALA A 18 -11.35 0.50 -6.77
C ALA A 18 -11.23 0.91 -8.24
N THR A 19 -11.59 2.15 -8.53
CA THR A 19 -11.52 2.68 -9.88
C THR A 19 -10.88 4.08 -9.92
N PRO A 20 -11.39 5.06 -9.12
CA PRO A 20 -10.86 6.43 -9.12
C PRO A 20 -9.49 6.52 -8.48
N GLU A 21 -8.99 7.75 -8.30
CA GLU A 21 -7.74 8.02 -7.60
C GLU A 21 -7.65 7.28 -6.26
N LYS A 22 -8.77 6.72 -5.80
CA LYS A 22 -8.78 5.90 -4.61
C LYS A 22 -7.82 4.72 -4.76
N LEU A 23 -7.68 4.20 -5.98
CA LEU A 23 -6.75 3.10 -6.21
C LEU A 23 -5.32 3.59 -6.32
N ALA A 24 -5.16 4.86 -6.63
CA ALA A 24 -3.84 5.47 -6.68
C ALA A 24 -3.17 5.32 -5.32
N LYS A 25 -4.01 5.43 -4.29
CA LYS A 25 -3.57 5.21 -2.91
C LYS A 25 -3.04 3.79 -2.76
N TYR A 26 -3.88 2.82 -3.10
CA TYR A 26 -3.57 1.41 -2.89
C TYR A 26 -2.38 0.97 -3.73
N GLN A 27 -2.29 1.52 -4.93
CA GLN A 27 -1.20 1.21 -5.84
C GLN A 27 0.12 1.65 -5.23
N ALA A 28 0.11 2.85 -4.66
CA ALA A 28 1.28 3.39 -3.98
C ALA A 28 1.59 2.58 -2.73
N CYS A 29 0.54 2.29 -1.96
CA CYS A 29 0.67 1.50 -0.74
C CYS A 29 1.29 0.14 -1.03
N TRP A 30 1.02 -0.39 -2.21
CA TRP A 30 1.56 -1.67 -2.61
C TRP A 30 3.02 -1.57 -3.03
N GLU A 31 3.40 -0.43 -3.57
CA GLU A 31 4.79 -0.21 -3.96
C GLU A 31 5.68 -0.16 -2.72
N LEU A 32 5.08 0.24 -1.60
CA LEU A 32 5.78 0.31 -0.32
C LEU A 32 6.20 -1.07 0.18
N LEU A 33 5.71 -2.13 -0.46
CA LEU A 33 6.06 -3.49 -0.06
C LEU A 33 7.44 -3.89 -0.55
N THR A 34 8.08 -2.99 -1.28
CA THR A 34 9.42 -3.25 -1.80
C THR A 34 10.46 -3.12 -0.68
N CYS A 35 10.07 -2.42 0.39
CA CYS A 35 10.95 -2.23 1.54
C CYS A 35 11.14 -3.54 2.29
N PRO A 36 12.38 -3.81 2.76
CA PRO A 36 12.69 -5.03 3.53
C PRO A 36 11.89 -5.11 4.83
N PRO A 37 11.29 -6.28 5.10
CA PRO A 37 10.49 -6.51 6.30
C PRO A 37 11.33 -6.95 7.49
N CYS A 38 10.70 -7.08 8.63
CA CYS A 38 11.40 -7.43 9.86
C CYS A 38 11.10 -8.87 10.26
N SER A 1 11.11 5.88 1.90
CA SER A 1 10.70 5.79 3.33
C SER A 1 9.88 4.53 3.57
N CYS A 2 10.42 3.62 4.36
CA CYS A 2 9.70 2.41 4.74
C CYS A 2 9.00 2.60 6.08
N PRO A 3 7.66 2.57 6.07
CA PRO A 3 6.87 2.73 7.30
C PRO A 3 6.96 1.50 8.20
N PRO A 4 6.82 1.68 9.52
CA PRO A 4 6.85 0.57 10.47
C PRO A 4 5.77 -0.45 10.16
N CYS A 5 6.14 -1.72 10.13
CA CYS A 5 5.22 -2.78 9.71
C CYS A 5 4.07 -2.96 10.69
N HIS A 6 4.24 -2.47 11.91
CA HIS A 6 3.17 -2.50 12.90
C HIS A 6 2.58 -1.12 13.10
N GLY A 7 2.92 -0.21 12.19
CA GLY A 7 2.40 1.15 12.26
C GLY A 7 2.22 1.74 10.88
N ARG A 8 1.89 0.88 9.93
CA ARG A 8 1.71 1.29 8.55
C ARG A 8 0.24 1.29 8.17
N PRO A 9 -0.12 1.98 7.08
CA PRO A 9 -1.46 1.92 6.51
C PRO A 9 -1.87 0.48 6.18
N THR A 10 -3.16 0.20 6.32
CA THR A 10 -3.69 -1.16 6.18
C THR A 10 -3.84 -1.55 4.70
N CYS A 11 -3.46 -0.63 3.83
CA CYS A 11 -3.53 -0.84 2.39
C CYS A 11 -2.76 -2.09 1.96
N THR A 12 -3.51 -3.10 1.56
CA THR A 12 -2.94 -4.30 0.98
C THR A 12 -3.64 -4.63 -0.33
N LYS A 13 -4.75 -3.94 -0.56
CA LYS A 13 -5.55 -4.14 -1.77
C LYS A 13 -4.78 -3.68 -3.00
N PRO A 14 -4.72 -4.55 -4.02
CA PRO A 14 -4.11 -4.20 -5.31
C PRO A 14 -4.87 -3.09 -6.06
N GLY A 15 -6.12 -2.84 -5.65
CA GLY A 15 -6.88 -1.79 -6.26
C GLY A 15 -7.76 -2.28 -7.39
N ASP A 16 -8.08 -3.57 -7.39
CA ASP A 16 -8.97 -4.15 -8.40
C ASP A 16 -10.41 -3.79 -8.08
N ASN A 17 -10.74 -3.80 -6.79
CA ASN A 17 -12.08 -3.45 -6.34
C ASN A 17 -12.21 -1.94 -6.20
N ALA A 18 -11.07 -1.27 -6.29
CA ALA A 18 -11.03 0.18 -6.19
C ALA A 18 -11.11 0.79 -7.59
N THR A 19 -11.70 1.98 -7.68
CA THR A 19 -11.93 2.61 -8.96
C THR A 19 -11.39 4.05 -9.02
N PRO A 20 -11.76 4.93 -8.06
CA PRO A 20 -11.28 6.32 -8.03
C PRO A 20 -9.83 6.42 -7.59
N GLU A 21 -9.34 7.64 -7.40
CA GLU A 21 -8.00 7.87 -6.83
C GLU A 21 -7.79 7.08 -5.54
N LYS A 22 -8.86 6.51 -5.00
CA LYS A 22 -8.74 5.62 -3.86
C LYS A 22 -7.75 4.50 -4.16
N LEU A 23 -7.68 4.06 -5.43
CA LEU A 23 -6.73 3.03 -5.81
C LEU A 23 -5.33 3.61 -5.95
N ALA A 24 -5.24 4.92 -6.14
CA ALA A 24 -3.95 5.58 -6.27
C ALA A 24 -3.15 5.41 -4.99
N LYS A 25 -3.88 5.31 -3.88
CA LYS A 25 -3.28 5.02 -2.58
C LYS A 25 -2.69 3.62 -2.58
N TYR A 26 -3.49 2.68 -3.07
CA TYR A 26 -3.12 1.27 -3.05
C TYR A 26 -1.99 0.98 -4.02
N GLN A 27 -1.97 1.69 -5.13
CA GLN A 27 -0.90 1.55 -6.11
C GLN A 27 0.43 1.97 -5.48
N ALA A 28 0.41 3.10 -4.79
CA ALA A 28 1.59 3.62 -4.11
C ALA A 28 1.97 2.70 -2.95
N CYS A 29 0.96 2.27 -2.21
CA CYS A 29 1.17 1.37 -1.09
C CYS A 29 1.78 0.06 -1.57
N TRP A 30 1.37 -0.37 -2.76
CA TRP A 30 1.89 -1.58 -3.37
C TRP A 30 3.33 -1.40 -3.84
N GLU A 31 3.71 -0.16 -4.14
CA GLU A 31 5.09 0.13 -4.48
C GLU A 31 5.97 -0.07 -3.26
N LEU A 32 5.41 0.18 -2.08
CA LEU A 32 6.13 0.02 -0.82
C LEU A 32 6.48 -1.45 -0.53
N LEU A 33 5.85 -2.38 -1.25
CA LEU A 33 6.10 -3.80 -1.04
C LEU A 33 7.48 -4.21 -1.53
N THR A 34 8.15 -3.30 -2.21
CA THR A 34 9.51 -3.54 -2.67
C THR A 34 10.50 -3.44 -1.52
N CYS A 35 10.02 -2.90 -0.40
CA CYS A 35 10.83 -2.76 0.80
C CYS A 35 10.75 -4.02 1.66
N PRO A 36 11.89 -4.51 2.18
CA PRO A 36 11.94 -5.68 3.05
C PRO A 36 11.10 -5.48 4.31
N PRO A 37 10.42 -6.53 4.77
CA PRO A 37 9.50 -6.47 5.91
C PRO A 37 10.22 -6.44 7.25
N CYS A 38 9.45 -6.30 8.32
CA CYS A 38 9.99 -6.19 9.66
C CYS A 38 9.85 -7.52 10.39
N SER A 1 12.75 6.67 1.46
CA SER A 1 12.48 6.24 2.85
C SER A 1 11.34 5.24 2.89
N CYS A 2 11.60 4.08 3.47
CA CYS A 2 10.58 3.04 3.58
C CYS A 2 9.67 3.28 4.78
N PRO A 3 8.36 3.44 4.52
CA PRO A 3 7.36 3.60 5.58
C PRO A 3 7.33 2.40 6.53
N PRO A 4 7.08 2.65 7.82
CA PRO A 4 7.12 1.60 8.86
C PRO A 4 6.04 0.54 8.66
N CYS A 5 6.44 -0.71 8.85
CA CYS A 5 5.54 -1.85 8.68
C CYS A 5 4.62 -2.01 9.89
N HIS A 6 5.12 -1.62 11.05
CA HIS A 6 4.34 -1.75 12.29
C HIS A 6 3.29 -0.65 12.39
N GLY A 7 3.44 0.37 11.57
CA GLY A 7 2.50 1.46 11.54
C GLY A 7 1.95 1.72 10.17
N ARG A 8 1.86 0.66 9.37
CA ARG A 8 1.39 0.78 8.00
C ARG A 8 -0.13 0.67 7.94
N PRO A 9 -0.73 1.03 6.80
CA PRO A 9 -2.16 0.88 6.58
C PRO A 9 -2.54 -0.58 6.28
N THR A 10 -3.82 -0.87 6.35
CA THR A 10 -4.33 -2.24 6.24
C THR A 10 -4.59 -2.62 4.79
N CYS A 11 -4.33 -1.68 3.91
CA CYS A 11 -4.48 -1.85 2.47
C CYS A 11 -3.80 -3.12 1.95
N THR A 12 -4.60 -4.14 1.75
CA THR A 12 -4.15 -5.39 1.15
C THR A 12 -4.53 -5.43 -0.33
N LYS A 13 -5.62 -4.73 -0.66
CA LYS A 13 -6.05 -4.59 -2.04
C LYS A 13 -5.09 -3.67 -2.81
N PRO A 14 -4.73 -4.05 -4.04
CA PRO A 14 -3.84 -3.23 -4.89
C PRO A 14 -4.59 -2.10 -5.60
N GLY A 15 -5.91 -2.09 -5.50
CA GLY A 15 -6.70 -1.09 -6.16
C GLY A 15 -7.26 -1.59 -7.47
N ASP A 16 -7.34 -2.91 -7.60
CA ASP A 16 -7.83 -3.55 -8.81
C ASP A 16 -9.35 -3.38 -8.93
N ASN A 17 -10.05 -3.53 -7.81
CA ASN A 17 -11.49 -3.34 -7.80
C ASN A 17 -11.82 -1.87 -7.54
N ALA A 18 -10.78 -1.09 -7.35
CA ALA A 18 -10.89 0.33 -7.11
C ALA A 18 -10.79 1.09 -8.42
N THR A 19 -11.39 2.27 -8.48
CA THR A 19 -11.40 3.06 -9.69
C THR A 19 -10.83 4.48 -9.47
N PRO A 20 -11.33 5.26 -8.49
CA PRO A 20 -10.87 6.63 -8.24
C PRO A 20 -9.49 6.66 -7.58
N GLU A 21 -9.05 7.86 -7.20
CA GLU A 21 -7.83 8.04 -6.42
C GLU A 21 -7.77 7.11 -5.20
N LYS A 22 -8.89 6.47 -4.88
CA LYS A 22 -8.91 5.44 -3.85
C LYS A 22 -7.81 4.41 -4.11
N LEU A 23 -7.61 4.06 -5.39
CA LEU A 23 -6.59 3.08 -5.75
C LEU A 23 -5.19 3.68 -5.66
N ALA A 24 -5.10 5.00 -5.71
CA ALA A 24 -3.83 5.69 -5.58
C ALA A 24 -3.21 5.34 -4.23
N LYS A 25 -4.07 5.17 -3.25
CA LYS A 25 -3.66 4.75 -1.92
C LYS A 25 -3.13 3.32 -1.97
N TYR A 26 -3.93 2.44 -2.57
CA TYR A 26 -3.64 1.01 -2.56
C TYR A 26 -2.41 0.68 -3.40
N GLN A 27 -2.25 1.38 -4.49
CA GLN A 27 -1.12 1.15 -5.38
C GLN A 27 0.17 1.59 -4.71
N ALA A 28 0.12 2.74 -4.06
CA ALA A 28 1.24 3.25 -3.30
C ALA A 28 1.54 2.31 -2.14
N CYS A 29 0.48 1.92 -1.44
CA CYS A 29 0.58 0.98 -0.33
C CYS A 29 1.27 -0.29 -0.75
N TRP A 30 0.97 -0.76 -1.95
CA TRP A 30 1.57 -1.97 -2.48
C TRP A 30 3.02 -1.77 -2.87
N GLU A 31 3.39 -0.55 -3.18
CA GLU A 31 4.76 -0.23 -3.52
C GLU A 31 5.66 -0.34 -2.30
N LEU A 32 5.09 -0.12 -1.12
CA LEU A 32 5.80 -0.35 0.14
C LEU A 32 6.37 -1.77 0.22
N LEU A 33 5.68 -2.71 -0.43
CA LEU A 33 6.07 -4.12 -0.35
C LEU A 33 7.36 -4.41 -1.10
N THR A 34 7.85 -3.44 -1.85
CA THR A 34 9.10 -3.61 -2.58
C THR A 34 10.28 -3.49 -1.63
N CYS A 35 10.08 -2.76 -0.54
CA CYS A 35 11.10 -2.61 0.48
C CYS A 35 10.95 -3.75 1.48
N PRO A 36 12.07 -4.37 1.90
CA PRO A 36 12.06 -5.51 2.82
C PRO A 36 11.27 -5.20 4.10
N PRO A 37 10.34 -6.10 4.47
CA PRO A 37 9.48 -5.92 5.63
C PRO A 37 10.12 -6.44 6.91
N CYS A 38 9.42 -6.24 8.02
CA CYS A 38 9.88 -6.70 9.31
C CYS A 38 9.55 -8.18 9.50
N SER A 1 10.61 4.95 0.41
CA SER A 1 10.23 4.81 1.83
C SER A 1 9.91 3.35 2.13
N CYS A 2 10.02 2.99 3.40
CA CYS A 2 9.75 1.62 3.83
C CYS A 2 8.39 1.55 4.50
N PRO A 3 7.60 0.50 4.18
CA PRO A 3 6.24 0.35 4.70
C PRO A 3 6.20 0.00 6.19
N PRO A 4 5.31 0.66 6.95
CA PRO A 4 5.19 0.44 8.40
C PRO A 4 4.82 -1.00 8.74
N CYS A 5 5.55 -1.58 9.67
CA CYS A 5 5.31 -2.95 10.11
C CYS A 5 4.27 -2.97 11.21
N HIS A 6 4.42 -2.07 12.18
CA HIS A 6 3.45 -1.92 13.24
C HIS A 6 2.67 -0.64 13.03
N GLY A 7 1.67 -0.76 12.18
CA GLY A 7 0.89 0.38 11.75
C GLY A 7 0.56 0.25 10.28
N ARG A 8 0.03 -0.91 9.92
CA ARG A 8 -0.26 -1.24 8.54
C ARG A 8 -1.24 -0.24 7.93
N PRO A 9 -0.88 0.29 6.76
CA PRO A 9 -1.70 1.21 5.98
C PRO A 9 -3.11 0.68 5.73
N THR A 10 -4.06 1.59 5.54
CA THR A 10 -5.48 1.25 5.40
C THR A 10 -5.77 0.57 4.07
N CYS A 11 -4.77 0.53 3.22
CA CYS A 11 -4.87 -0.17 1.95
C CYS A 11 -4.89 -1.68 2.15
N THR A 12 -6.07 -2.19 2.46
CA THR A 12 -6.24 -3.58 2.78
C THR A 12 -6.84 -4.36 1.62
N LYS A 13 -7.67 -3.69 0.82
CA LYS A 13 -8.35 -4.33 -0.30
C LYS A 13 -7.35 -4.70 -1.40
N PRO A 14 -7.69 -5.69 -2.24
CA PRO A 14 -6.81 -6.14 -3.33
C PRO A 14 -6.76 -5.15 -4.49
N GLY A 15 -7.61 -4.12 -4.43
CA GLY A 15 -7.64 -3.13 -5.49
C GLY A 15 -8.72 -3.42 -6.52
N ASP A 16 -9.39 -4.56 -6.34
CA ASP A 16 -10.45 -4.98 -7.26
C ASP A 16 -11.61 -4.00 -7.27
N ASN A 17 -12.06 -3.61 -6.09
CA ASN A 17 -13.18 -2.67 -5.97
C ASN A 17 -12.69 -1.23 -6.03
N ALA A 18 -11.40 -1.07 -6.29
CA ALA A 18 -10.81 0.26 -6.33
C ALA A 18 -10.50 0.65 -7.77
N THR A 19 -10.68 1.92 -8.07
CA THR A 19 -10.45 2.44 -9.40
C THR A 19 -10.04 3.93 -9.35
N PRO A 20 -10.82 4.78 -8.64
CA PRO A 20 -10.45 6.18 -8.38
C PRO A 20 -9.17 6.30 -7.57
N GLU A 21 -8.87 7.51 -7.09
CA GLU A 21 -7.74 7.79 -6.19
C GLU A 21 -7.58 6.74 -5.08
N LYS A 22 -8.56 5.87 -4.90
CA LYS A 22 -8.41 4.73 -3.99
C LYS A 22 -7.15 3.94 -4.37
N LEU A 23 -6.91 3.77 -5.67
CA LEU A 23 -5.72 3.05 -6.14
C LEU A 23 -4.45 3.84 -5.87
N ALA A 24 -4.57 5.15 -5.71
CA ALA A 24 -3.43 5.99 -5.40
C ALA A 24 -2.78 5.50 -4.10
N LYS A 25 -3.64 5.05 -3.19
CA LYS A 25 -3.19 4.46 -1.93
C LYS A 25 -2.46 3.15 -2.21
N TYR A 26 -3.12 2.28 -2.96
CA TYR A 26 -2.63 0.93 -3.19
C TYR A 26 -1.32 0.94 -3.97
N GLN A 27 -1.21 1.87 -4.90
CA GLN A 27 -0.01 2.04 -5.69
C GLN A 27 1.15 2.47 -4.79
N ALA A 28 0.84 3.37 -3.87
CA ALA A 28 1.82 3.85 -2.90
C ALA A 28 2.23 2.72 -1.96
N CYS A 29 1.25 1.95 -1.51
CA CYS A 29 1.50 0.82 -0.64
C CYS A 29 2.35 -0.22 -1.35
N TRP A 30 2.11 -0.40 -2.65
CA TRP A 30 2.83 -1.36 -3.45
C TRP A 30 4.25 -0.92 -3.73
N GLU A 31 4.45 0.37 -3.96
CA GLU A 31 5.79 0.87 -4.26
C GLU A 31 6.69 0.73 -3.03
N LEU A 32 6.07 0.74 -1.85
CA LEU A 32 6.79 0.58 -0.60
C LEU A 32 7.44 -0.80 -0.51
N LEU A 33 6.94 -1.76 -1.29
CA LEU A 33 7.47 -3.12 -1.27
C LEU A 33 8.88 -3.18 -1.85
N THR A 34 9.35 -2.08 -2.39
CA THR A 34 10.71 -1.99 -2.88
C THR A 34 11.69 -2.02 -1.70
N CYS A 35 11.18 -1.67 -0.53
CA CYS A 35 11.92 -1.79 0.71
C CYS A 35 11.42 -3.02 1.46
N PRO A 36 12.33 -3.82 2.03
CA PRO A 36 11.94 -5.04 2.75
C PRO A 36 11.16 -4.73 4.03
N PRO A 37 9.98 -5.33 4.18
CA PRO A 37 9.17 -5.18 5.38
C PRO A 37 9.54 -6.18 6.46
N CYS A 38 8.92 -6.05 7.61
CA CYS A 38 9.17 -6.94 8.72
C CYS A 38 8.41 -8.24 8.52
N SER A 1 12.20 6.40 1.57
CA SER A 1 11.91 6.19 3.00
C SER A 1 10.90 5.06 3.16
N CYS A 2 11.18 4.16 4.09
CA CYS A 2 10.32 3.00 4.31
C CYS A 2 9.33 3.27 5.44
N PRO A 3 8.07 2.87 5.24
CA PRO A 3 7.02 3.02 6.25
C PRO A 3 7.25 2.09 7.45
N PRO A 4 6.53 2.29 8.57
CA PRO A 4 6.68 1.45 9.76
C PRO A 4 6.50 -0.02 9.45
N CYS A 5 7.43 -0.83 9.91
CA CYS A 5 7.40 -2.27 9.63
C CYS A 5 6.63 -3.00 10.72
N HIS A 6 6.53 -2.38 11.89
CA HIS A 6 5.73 -2.93 12.98
C HIS A 6 4.43 -2.14 13.10
N GLY A 7 4.01 -1.57 11.99
CA GLY A 7 2.81 -0.77 11.95
C GLY A 7 2.39 -0.52 10.52
N ARG A 8 2.44 -1.60 9.74
CA ARG A 8 2.15 -1.54 8.33
C ARG A 8 0.73 -1.05 8.05
N PRO A 9 0.57 -0.20 7.01
CA PRO A 9 -0.73 0.34 6.61
C PRO A 9 -1.69 -0.77 6.19
N THR A 10 -2.99 -0.49 6.30
CA THR A 10 -4.02 -1.51 6.08
C THR A 10 -4.36 -1.63 4.60
N CYS A 11 -3.84 -0.71 3.81
CA CYS A 11 -4.10 -0.69 2.37
C CYS A 11 -3.45 -1.89 1.68
N THR A 12 -4.20 -2.97 1.56
CA THR A 12 -3.67 -4.19 0.97
C THR A 12 -4.40 -4.52 -0.33
N LYS A 13 -5.46 -3.79 -0.60
CA LYS A 13 -6.25 -4.00 -1.81
C LYS A 13 -5.45 -3.52 -3.03
N PRO A 14 -5.54 -4.23 -4.16
CA PRO A 14 -4.83 -3.86 -5.37
C PRO A 14 -5.58 -2.82 -6.21
N GLY A 15 -6.79 -2.44 -5.79
CA GLY A 15 -7.56 -1.48 -6.54
C GLY A 15 -8.46 -2.14 -7.56
N ASP A 16 -8.77 -3.41 -7.35
CA ASP A 16 -9.64 -4.16 -8.26
C ASP A 16 -11.06 -3.61 -8.20
N ASN A 17 -11.52 -3.35 -6.99
CA ASN A 17 -12.86 -2.83 -6.77
C ASN A 17 -12.84 -1.31 -6.82
N ALA A 18 -11.70 -0.76 -7.21
CA ALA A 18 -11.51 0.68 -7.26
C ALA A 18 -11.26 1.13 -8.69
N THR A 19 -11.63 2.36 -9.00
CA THR A 19 -11.45 2.91 -10.33
C THR A 19 -10.71 4.27 -10.29
N PRO A 20 -11.20 5.26 -9.53
CA PRO A 20 -10.59 6.60 -9.47
C PRO A 20 -9.33 6.61 -8.63
N GLU A 21 -8.79 7.81 -8.38
CA GLU A 21 -7.63 8.01 -7.50
C GLU A 21 -7.78 7.26 -6.17
N LYS A 22 -8.97 6.77 -5.88
CA LYS A 22 -9.20 5.95 -4.72
C LYS A 22 -8.24 4.76 -4.70
N LEU A 23 -7.88 4.24 -5.89
CA LEU A 23 -6.95 3.13 -5.97
C LEU A 23 -5.50 3.59 -5.89
N ALA A 24 -5.27 4.86 -6.17
CA ALA A 24 -3.93 5.42 -6.16
C ALA A 24 -3.26 5.18 -4.81
N LYS A 25 -4.07 5.33 -3.76
CA LYS A 25 -3.64 5.04 -2.40
C LYS A 25 -3.07 3.64 -2.30
N TYR A 26 -3.83 2.68 -2.83
CA TYR A 26 -3.47 1.29 -2.75
C TYR A 26 -2.30 0.96 -3.65
N GLN A 27 -2.25 1.61 -4.80
CA GLN A 27 -1.15 1.43 -5.75
C GLN A 27 0.18 1.79 -5.09
N ALA A 28 0.19 2.94 -4.42
CA ALA A 28 1.37 3.41 -3.73
C ALA A 28 1.66 2.57 -2.50
N CYS A 29 0.60 2.19 -1.79
CA CYS A 29 0.73 1.37 -0.60
C CYS A 29 1.33 0.01 -0.96
N TRP A 30 0.99 -0.47 -2.15
CA TRP A 30 1.52 -1.72 -2.66
C TRP A 30 3.00 -1.59 -2.99
N GLU A 31 3.41 -0.42 -3.46
CA GLU A 31 4.82 -0.16 -3.72
C GLU A 31 5.61 -0.29 -2.44
N LEU A 32 4.99 0.07 -1.33
CA LEU A 32 5.63 0.02 -0.02
C LEU A 32 5.97 -1.42 0.41
N LEU A 33 5.48 -2.40 -0.34
CA LEU A 33 5.77 -3.80 -0.05
C LEU A 33 7.13 -4.21 -0.58
N THR A 34 7.74 -3.35 -1.39
CA THR A 34 9.04 -3.65 -1.96
C THR A 34 10.15 -3.54 -0.92
N CYS A 35 9.91 -2.69 0.08
CA CYS A 35 10.87 -2.51 1.16
C CYS A 35 10.83 -3.70 2.09
N PRO A 36 11.98 -4.39 2.27
CA PRO A 36 12.09 -5.55 3.15
C PRO A 36 11.70 -5.20 4.60
N PRO A 37 11.01 -6.13 5.28
CA PRO A 37 10.56 -5.92 6.65
C PRO A 37 11.69 -6.03 7.66
N CYS A 38 11.37 -5.76 8.91
CA CYS A 38 12.37 -5.71 9.96
C CYS A 38 12.55 -7.09 10.61
N SER A 1 13.18 5.63 3.57
CA SER A 1 12.40 4.99 4.65
C SER A 1 10.95 4.82 4.22
N CYS A 2 10.47 3.59 4.32
CA CYS A 2 9.09 3.30 3.96
C CYS A 2 8.22 3.29 5.23
N PRO A 3 6.88 3.28 5.09
CA PRO A 3 5.96 3.19 6.24
C PRO A 3 6.38 2.11 7.24
N PRO A 4 6.12 2.38 8.53
CA PRO A 4 6.55 1.51 9.63
C PRO A 4 5.85 0.16 9.62
N CYS A 5 6.58 -0.86 10.07
CA CYS A 5 6.05 -2.22 10.13
C CYS A 5 5.04 -2.34 11.26
N HIS A 6 5.18 -1.47 12.26
CA HIS A 6 4.23 -1.42 13.37
C HIS A 6 3.16 -0.37 13.08
N GLY A 7 2.79 -0.28 11.82
CA GLY A 7 1.81 0.69 11.38
C GLY A 7 1.61 0.61 9.89
N ARG A 8 1.37 -0.61 9.41
CA ARG A 8 1.26 -0.88 7.99
C ARG A 8 -0.01 -0.27 7.42
N PRO A 9 0.07 0.19 6.16
CA PRO A 9 -1.08 0.74 5.43
C PRO A 9 -2.29 -0.18 5.50
N THR A 10 -3.47 0.43 5.64
CA THR A 10 -4.71 -0.32 5.84
C THR A 10 -5.21 -0.94 4.55
N CYS A 11 -4.60 -0.49 3.45
CA CYS A 11 -4.93 -0.95 2.10
C CYS A 11 -5.07 -2.47 2.06
N THR A 12 -6.31 -2.92 1.99
CA THR A 12 -6.60 -4.34 2.03
C THR A 12 -7.38 -4.80 0.79
N LYS A 13 -8.26 -3.93 0.28
CA LYS A 13 -9.11 -4.29 -0.86
C LYS A 13 -8.27 -4.46 -2.12
N PRO A 14 -8.50 -5.53 -2.89
CA PRO A 14 -7.73 -5.83 -4.10
C PRO A 14 -7.90 -4.77 -5.19
N GLY A 15 -8.87 -3.87 -5.02
CA GLY A 15 -9.03 -2.75 -5.92
C GLY A 15 -9.78 -3.12 -7.18
N ASP A 16 -10.67 -4.10 -7.08
CA ASP A 16 -11.45 -4.56 -8.23
C ASP A 16 -12.39 -3.47 -8.72
N ASN A 17 -13.11 -2.85 -7.80
CA ASN A 17 -14.04 -1.78 -8.14
C ASN A 17 -13.39 -0.43 -7.91
N ALA A 18 -12.10 -0.46 -7.61
CA ALA A 18 -11.38 0.77 -7.30
C ALA A 18 -10.78 1.37 -8.57
N THR A 19 -10.69 2.69 -8.59
CA THR A 19 -10.16 3.42 -9.72
C THR A 19 -9.68 4.82 -9.29
N PRO A 20 -10.54 5.62 -8.60
CA PRO A 20 -10.17 6.91 -8.03
C PRO A 20 -8.97 6.85 -7.10
N GLU A 21 -8.68 7.95 -6.41
CA GLU A 21 -7.62 8.03 -5.40
C GLU A 21 -7.60 6.82 -4.46
N LYS A 22 -8.65 6.01 -4.46
CA LYS A 22 -8.67 4.78 -3.69
C LYS A 22 -7.48 3.90 -4.09
N LEU A 23 -7.18 3.87 -5.39
CA LEU A 23 -6.05 3.09 -5.88
C LEU A 23 -4.72 3.74 -5.57
N ALA A 24 -4.73 5.04 -5.31
CA ALA A 24 -3.52 5.76 -4.96
C ALA A 24 -2.85 5.10 -3.75
N LYS A 25 -3.70 4.68 -2.82
CA LYS A 25 -3.26 3.93 -1.65
C LYS A 25 -2.56 2.65 -2.10
N TYR A 26 -3.26 1.89 -2.92
CA TYR A 26 -2.83 0.56 -3.30
C TYR A 26 -1.59 0.58 -4.16
N GLN A 27 -1.48 1.58 -5.01
CA GLN A 27 -0.30 1.76 -5.83
C GLN A 27 0.91 2.02 -4.94
N ALA A 28 0.70 2.82 -3.92
CA ALA A 28 1.73 3.11 -2.94
C ALA A 28 2.10 1.87 -2.16
N CYS A 29 1.09 1.11 -1.74
CA CYS A 29 1.29 -0.13 -1.01
C CYS A 29 2.02 -1.16 -1.86
N TRP A 30 1.82 -1.08 -3.17
CA TRP A 30 2.48 -1.98 -4.09
C TRP A 30 3.96 -1.63 -4.24
N GLU A 31 4.27 -0.36 -4.14
CA GLU A 31 5.65 0.08 -4.24
C GLU A 31 6.41 -0.29 -2.97
N LEU A 32 5.67 -0.43 -1.87
CA LEU A 32 6.23 -0.86 -0.59
C LEU A 32 7.00 -2.17 -0.70
N LEU A 33 6.67 -2.96 -1.72
CA LEU A 33 7.28 -4.27 -1.92
C LEU A 33 8.77 -4.16 -2.23
N THR A 34 9.21 -2.96 -2.59
CA THR A 34 10.62 -2.73 -2.88
C THR A 34 11.39 -2.40 -1.60
N CYS A 35 10.66 -2.10 -0.54
CA CYS A 35 11.28 -1.78 0.74
C CYS A 35 11.28 -3.01 1.64
N PRO A 36 12.46 -3.38 2.17
CA PRO A 36 12.59 -4.53 3.07
C PRO A 36 11.81 -4.31 4.36
N PRO A 37 11.01 -5.31 4.77
CA PRO A 37 10.21 -5.24 5.99
C PRO A 37 11.06 -5.51 7.23
N CYS A 38 10.46 -5.37 8.39
CA CYS A 38 11.17 -5.50 9.65
C CYS A 38 11.24 -6.97 10.07
N SER A 1 8.17 7.25 2.74
CA SER A 1 8.84 6.55 3.86
C SER A 1 8.32 5.13 3.99
N CYS A 2 9.23 4.20 4.22
CA CYS A 2 8.86 2.80 4.36
C CYS A 2 8.01 2.59 5.61
N PRO A 3 6.78 2.08 5.41
CA PRO A 3 5.82 1.83 6.49
C PRO A 3 6.42 1.06 7.66
N PRO A 4 5.99 1.38 8.89
CA PRO A 4 6.51 0.77 10.13
C PRO A 4 6.57 -0.75 10.07
N CYS A 5 7.63 -1.30 10.67
CA CYS A 5 7.84 -2.73 10.71
C CYS A 5 6.75 -3.42 11.51
N HIS A 6 6.48 -2.93 12.71
CA HIS A 6 5.43 -3.47 13.55
C HIS A 6 4.15 -2.68 13.34
N GLY A 7 3.73 -2.63 12.09
CA GLY A 7 2.56 -1.88 11.70
C GLY A 7 2.48 -1.77 10.19
N ARG A 8 2.57 -2.92 9.54
CA ARG A 8 2.68 -2.98 8.09
C ARG A 8 1.39 -2.54 7.41
N PRO A 9 1.52 -2.04 6.16
CA PRO A 9 0.40 -1.50 5.38
C PRO A 9 -0.81 -2.42 5.29
N THR A 10 -1.99 -1.82 5.39
CA THR A 10 -3.22 -2.56 5.20
C THR A 10 -3.71 -2.38 3.78
N CYS A 11 -3.05 -1.49 3.06
CA CYS A 11 -3.37 -1.21 1.67
C CYS A 11 -2.74 -2.23 0.74
N THR A 12 -2.76 -3.47 1.17
CA THR A 12 -2.16 -4.57 0.43
C THR A 12 -3.05 -4.99 -0.74
N LYS A 13 -4.33 -4.68 -0.67
CA LYS A 13 -5.23 -4.90 -1.79
C LYS A 13 -5.39 -3.60 -2.58
N PRO A 14 -5.59 -3.72 -3.90
CA PRO A 14 -5.70 -2.57 -4.80
C PRO A 14 -7.04 -1.85 -4.68
N GLY A 15 -8.03 -2.56 -4.14
CA GLY A 15 -9.34 -2.01 -3.96
C GLY A 15 -10.35 -2.68 -4.87
N ASP A 16 -11.34 -3.33 -4.27
CA ASP A 16 -12.35 -4.04 -5.05
C ASP A 16 -13.29 -3.05 -5.74
N ASN A 17 -13.54 -1.93 -5.09
CA ASN A 17 -14.36 -0.87 -5.67
C ASN A 17 -13.44 0.17 -6.32
N ALA A 18 -12.19 0.19 -5.87
CA ALA A 18 -11.21 1.15 -6.35
C ALA A 18 -11.04 1.07 -7.86
N THR A 19 -11.06 2.23 -8.48
CA THR A 19 -10.97 2.35 -9.92
C THR A 19 -10.41 3.73 -10.30
N PRO A 20 -11.01 4.83 -9.79
CA PRO A 20 -10.44 6.17 -9.94
C PRO A 20 -9.14 6.32 -9.17
N GLU A 21 -8.62 7.55 -9.09
CA GLU A 21 -7.43 7.88 -8.30
C GLU A 21 -7.45 7.25 -6.89
N LYS A 22 -8.59 6.72 -6.47
CA LYS A 22 -8.69 6.01 -5.20
C LYS A 22 -7.68 4.86 -5.14
N LEU A 23 -7.41 4.23 -6.28
CA LEU A 23 -6.45 3.13 -6.32
C LEU A 23 -5.02 3.64 -6.38
N ALA A 24 -4.85 4.91 -6.77
CA ALA A 24 -3.53 5.52 -6.85
C ALA A 24 -2.82 5.45 -5.51
N LYS A 25 -3.60 5.56 -4.45
CA LYS A 25 -3.10 5.37 -3.08
C LYS A 25 -2.48 3.99 -2.95
N TYR A 26 -3.26 3.00 -3.35
CA TYR A 26 -2.89 1.61 -3.22
C TYR A 26 -1.71 1.25 -4.11
N GLN A 27 -1.64 1.89 -5.26
CA GLN A 27 -0.52 1.69 -6.18
C GLN A 27 0.78 2.12 -5.49
N ALA A 28 0.72 3.26 -4.82
CA ALA A 28 1.85 3.77 -4.07
C ALA A 28 2.19 2.84 -2.92
N CYS A 29 1.16 2.38 -2.23
CA CYS A 29 1.34 1.46 -1.10
C CYS A 29 1.94 0.15 -1.58
N TRP A 30 1.56 -0.26 -2.78
CA TRP A 30 2.06 -1.48 -3.38
C TRP A 30 3.55 -1.41 -3.61
N GLU A 31 4.02 -0.22 -3.95
CA GLU A 31 5.45 0.01 -4.09
C GLU A 31 6.12 -0.13 -2.72
N LEU A 32 5.39 0.25 -1.68
CA LEU A 32 5.88 0.17 -0.32
C LEU A 32 5.86 -1.27 0.20
N LEU A 33 5.07 -2.15 -0.44
CA LEU A 33 5.05 -3.56 -0.05
C LEU A 33 6.36 -4.23 -0.37
N THR A 34 7.06 -3.70 -1.35
CA THR A 34 8.35 -4.25 -1.76
C THR A 34 9.47 -3.83 -0.82
N CYS A 35 9.13 -3.00 0.17
CA CYS A 35 10.10 -2.59 1.16
C CYS A 35 10.06 -3.53 2.35
N PRO A 36 11.16 -4.23 2.64
CA PRO A 36 11.27 -5.12 3.79
C PRO A 36 11.48 -4.33 5.09
N PRO A 37 10.68 -4.59 6.12
CA PRO A 37 10.73 -3.84 7.37
C PRO A 37 11.80 -4.37 8.31
N CYS A 38 12.02 -3.62 9.39
CA CYS A 38 13.06 -3.91 10.36
C CYS A 38 14.42 -4.09 9.67
N SER A 1 9.61 6.56 1.17
CA SER A 1 9.71 6.19 2.60
C SER A 1 9.30 4.75 2.80
N CYS A 2 10.06 4.03 3.63
CA CYS A 2 9.76 2.64 3.93
C CYS A 2 8.58 2.57 4.90
N PRO A 3 7.61 1.69 4.60
CA PRO A 3 6.40 1.56 5.42
C PRO A 3 6.70 0.92 6.78
N PRO A 4 5.98 1.36 7.82
CA PRO A 4 6.17 0.84 9.18
C PRO A 4 6.02 -0.68 9.25
N CYS A 5 6.98 -1.32 9.89
CA CYS A 5 6.98 -2.76 10.04
C CYS A 5 6.22 -3.16 11.30
N HIS A 6 6.21 -2.26 12.28
CA HIS A 6 5.50 -2.49 13.52
C HIS A 6 4.15 -1.77 13.48
N GLY A 7 3.38 -2.09 12.45
CA GLY A 7 2.12 -1.41 12.22
C GLY A 7 1.87 -1.22 10.75
N ARG A 8 1.68 -2.32 10.04
CA ARG A 8 1.48 -2.31 8.61
C ARG A 8 0.29 -1.44 8.21
N PRO A 9 0.55 -0.46 7.32
CA PRO A 9 -0.49 0.36 6.70
C PRO A 9 -1.69 -0.47 6.26
N THR A 10 -2.87 0.04 6.53
CA THR A 10 -4.10 -0.71 6.34
C THR A 10 -4.46 -0.84 4.85
N CYS A 11 -3.79 -0.05 4.04
CA CYS A 11 -4.00 -0.06 2.60
C CYS A 11 -3.39 -1.31 1.97
N THR A 12 -4.14 -2.40 2.01
CA THR A 12 -3.70 -3.66 1.44
C THR A 12 -4.49 -3.97 0.18
N LYS A 13 -5.50 -3.17 -0.08
CA LYS A 13 -6.34 -3.33 -1.25
C LYS A 13 -5.52 -3.19 -2.53
N PRO A 14 -5.51 -4.21 -3.40
CA PRO A 14 -4.76 -4.18 -4.65
C PRO A 14 -5.48 -3.41 -5.76
N GLY A 15 -6.55 -2.71 -5.39
CA GLY A 15 -7.32 -1.96 -6.36
C GLY A 15 -8.36 -2.80 -7.06
N ASP A 16 -8.87 -3.81 -6.34
CA ASP A 16 -9.88 -4.71 -6.90
C ASP A 16 -11.23 -4.01 -6.94
N ASN A 17 -11.58 -3.34 -5.85
CA ASN A 17 -12.83 -2.62 -5.75
C ASN A 17 -12.65 -1.15 -6.07
N ALA A 18 -11.44 -0.81 -6.52
CA ALA A 18 -11.12 0.58 -6.83
C ALA A 18 -10.73 0.71 -8.30
N THR A 19 -11.13 1.83 -8.91
CA THR A 19 -10.85 2.07 -10.32
C THR A 19 -10.26 3.47 -10.60
N PRO A 20 -10.67 4.54 -9.88
CA PRO A 20 -10.12 5.88 -10.09
C PRO A 20 -8.96 6.15 -9.14
N GLU A 21 -8.52 7.40 -9.08
CA GLU A 21 -7.49 7.84 -8.12
C GLU A 21 -7.71 7.31 -6.69
N LYS A 22 -8.88 6.75 -6.40
CA LYS A 22 -9.11 6.12 -5.11
C LYS A 22 -8.12 4.97 -4.89
N LEU A 23 -7.69 4.34 -5.99
CA LEU A 23 -6.72 3.26 -5.91
C LEU A 23 -5.30 3.79 -5.83
N ALA A 24 -5.11 5.04 -6.22
CA ALA A 24 -3.78 5.65 -6.22
C ALA A 24 -3.11 5.52 -4.86
N LYS A 25 -3.93 5.64 -3.83
CA LYS A 25 -3.48 5.43 -2.46
C LYS A 25 -2.89 4.03 -2.30
N TYR A 26 -3.70 3.05 -2.65
CA TYR A 26 -3.36 1.65 -2.46
C TYR A 26 -2.19 1.23 -3.35
N GLN A 27 -2.14 1.78 -4.54
CA GLN A 27 -1.08 1.47 -5.49
C GLN A 27 0.26 1.94 -4.93
N ALA A 28 0.25 3.12 -4.33
CA ALA A 28 1.43 3.65 -3.67
C ALA A 28 1.76 2.84 -2.43
N CYS A 29 0.73 2.50 -1.68
CA CYS A 29 0.89 1.71 -0.47
C CYS A 29 1.46 0.33 -0.78
N TRP A 30 1.18 -0.16 -1.99
CA TRP A 30 1.66 -1.46 -2.43
C TRP A 30 3.11 -1.41 -2.89
N GLU A 31 3.48 -0.32 -3.56
CA GLU A 31 4.85 -0.19 -4.08
C GLU A 31 5.83 -0.06 -2.92
N LEU A 32 5.33 0.36 -1.77
CA LEU A 32 6.11 0.43 -0.55
C LEU A 32 6.63 -0.95 -0.13
N LEU A 33 5.99 -2.01 -0.60
CA LEU A 33 6.39 -3.38 -0.26
C LEU A 33 7.70 -3.77 -0.91
N THR A 34 8.25 -2.87 -1.72
CA THR A 34 9.57 -3.08 -2.30
C THR A 34 10.64 -2.95 -1.22
N CYS A 35 10.25 -2.33 -0.11
CA CYS A 35 11.11 -2.23 1.06
C CYS A 35 10.95 -3.50 1.90
N PRO A 36 12.06 -4.16 2.23
CA PRO A 36 12.03 -5.43 2.98
C PRO A 36 11.52 -5.26 4.41
N PRO A 37 10.55 -6.09 4.82
CA PRO A 37 10.00 -6.07 6.17
C PRO A 37 10.91 -6.81 7.15
N CYS A 38 10.54 -6.79 8.41
CA CYS A 38 11.31 -7.43 9.47
C CYS A 38 11.42 -8.93 9.23
N SER A 1 11.07 6.11 1.98
CA SER A 1 10.93 5.45 3.30
C SER A 1 9.66 4.63 3.33
N CYS A 2 9.76 3.40 3.85
CA CYS A 2 8.63 2.50 3.91
C CYS A 2 8.06 2.44 5.32
N PRO A 3 6.77 2.76 5.48
CA PRO A 3 6.09 2.67 6.78
C PRO A 3 6.16 1.25 7.36
N PRO A 4 6.38 1.14 8.68
CA PRO A 4 6.44 -0.14 9.39
C PRO A 4 5.15 -0.95 9.21
N CYS A 5 5.29 -2.26 9.14
CA CYS A 5 4.16 -3.16 8.89
C CYS A 5 3.13 -3.08 10.01
N HIS A 6 3.57 -2.67 11.19
CA HIS A 6 2.67 -2.53 12.33
C HIS A 6 1.99 -1.17 12.34
N GLY A 7 2.42 -0.29 11.46
CA GLY A 7 1.84 1.04 11.40
C GLY A 7 1.65 1.49 9.96
N ARG A 8 1.23 0.56 9.12
CA ARG A 8 1.07 0.82 7.70
C ARG A 8 -0.37 1.25 7.40
N PRO A 9 -0.67 1.68 6.17
CA PRO A 9 -2.04 1.96 5.76
C PRO A 9 -2.87 0.69 5.71
N THR A 10 -4.19 0.86 5.67
CA THR A 10 -5.12 -0.26 5.74
C THR A 10 -5.27 -0.92 4.38
N CYS A 11 -4.50 -0.43 3.44
CA CYS A 11 -4.47 -0.95 2.07
C CYS A 11 -4.21 -2.45 2.06
N THR A 12 -5.27 -3.21 1.85
CA THR A 12 -5.17 -4.66 1.70
C THR A 12 -6.17 -5.15 0.66
N LYS A 13 -7.21 -4.36 0.42
CA LYS A 13 -8.22 -4.69 -0.57
C LYS A 13 -7.59 -4.77 -1.96
N PRO A 14 -8.09 -5.68 -2.79
CA PRO A 14 -7.53 -5.91 -4.13
C PRO A 14 -7.76 -4.75 -5.09
N GLY A 15 -8.49 -3.74 -4.65
CA GLY A 15 -8.76 -2.59 -5.49
C GLY A 15 -9.74 -2.92 -6.59
N ASP A 16 -10.58 -3.92 -6.34
CA ASP A 16 -11.55 -4.36 -7.32
C ASP A 16 -12.72 -3.39 -7.39
N ASN A 17 -13.07 -2.85 -6.23
CA ASN A 17 -14.14 -1.87 -6.13
C ASN A 17 -13.56 -0.46 -6.25
N ALA A 18 -12.24 -0.39 -6.27
CA ALA A 18 -11.55 0.89 -6.31
C ALA A 18 -11.17 1.26 -7.74
N THR A 19 -11.23 2.53 -8.04
CA THR A 19 -10.94 3.04 -9.37
C THR A 19 -10.17 4.39 -9.29
N PRO A 20 -10.75 5.43 -8.64
CA PRO A 20 -10.09 6.72 -8.42
C PRO A 20 -8.81 6.61 -7.61
N GLU A 21 -8.30 7.77 -7.17
CA GLU A 21 -7.14 7.86 -6.27
C GLU A 21 -7.18 6.82 -5.13
N LYS A 22 -8.32 6.17 -4.93
CA LYS A 22 -8.42 5.05 -4.00
C LYS A 22 -7.35 4.00 -4.32
N LEU A 23 -7.01 3.85 -5.60
CA LEU A 23 -5.98 2.91 -6.02
C LEU A 23 -4.59 3.46 -5.81
N ALA A 24 -4.48 4.78 -5.73
CA ALA A 24 -3.19 5.43 -5.50
C ALA A 24 -2.60 4.95 -4.19
N LYS A 25 -3.49 4.67 -3.24
CA LYS A 25 -3.09 4.11 -1.96
C LYS A 25 -2.40 2.77 -2.18
N TYR A 26 -3.04 1.89 -2.93
CA TYR A 26 -2.54 0.56 -3.16
C TYR A 26 -1.28 0.59 -4.00
N GLN A 27 -1.24 1.54 -4.92
CA GLN A 27 -0.06 1.77 -5.73
C GLN A 27 1.14 2.10 -4.85
N ALA A 28 0.90 2.96 -3.87
CA ALA A 28 1.92 3.35 -2.90
C ALA A 28 2.31 2.15 -2.05
N CYS A 29 1.33 1.39 -1.61
CA CYS A 29 1.58 0.23 -0.78
C CYS A 29 2.30 -0.87 -1.55
N TRP A 30 2.19 -0.83 -2.88
CA TRP A 30 2.85 -1.79 -3.74
C TRP A 30 4.29 -1.40 -4.03
N GLU A 31 4.56 -0.12 -4.11
CA GLU A 31 5.91 0.34 -4.37
C GLU A 31 6.78 0.17 -3.13
N LEU A 32 6.11 0.07 -1.98
CA LEU A 32 6.79 -0.18 -0.71
C LEU A 32 7.52 -1.52 -0.71
N LEU A 33 7.21 -2.37 -1.67
CA LEU A 33 7.85 -3.68 -1.79
C LEU A 33 9.32 -3.54 -2.15
N THR A 34 9.71 -2.33 -2.53
CA THR A 34 11.11 -2.05 -2.83
C THR A 34 11.91 -1.89 -1.53
N CYS A 35 11.18 -1.77 -0.44
CA CYS A 35 11.78 -1.60 0.88
C CYS A 35 11.61 -2.89 1.67
N PRO A 36 12.67 -3.34 2.38
CA PRO A 36 12.63 -4.55 3.21
C PRO A 36 11.56 -4.46 4.31
N PRO A 37 10.70 -5.48 4.42
CA PRO A 37 9.64 -5.53 5.41
C PRO A 37 10.14 -6.02 6.76
N CYS A 38 9.25 -6.03 7.74
CA CYS A 38 9.58 -6.47 9.09
C CYS A 38 9.92 -7.96 9.09
N SER A 1 10.89 7.13 -0.21
CA SER A 1 10.69 6.81 1.21
C SER A 1 9.61 5.74 1.38
N CYS A 2 9.97 4.65 2.04
CA CYS A 2 9.04 3.56 2.29
C CYS A 2 8.08 3.94 3.41
N PRO A 3 6.76 3.69 3.21
CA PRO A 3 5.74 3.96 4.24
C PRO A 3 5.99 3.14 5.51
N PRO A 4 5.73 3.73 6.69
CA PRO A 4 5.86 3.02 7.97
C PRO A 4 5.01 1.77 8.01
N CYS A 5 5.60 0.66 8.43
CA CYS A 5 4.91 -0.63 8.42
C CYS A 5 3.83 -0.71 9.49
N HIS A 6 3.93 0.17 10.48
CA HIS A 6 2.95 0.20 11.56
C HIS A 6 1.90 1.28 11.31
N GLY A 7 2.04 1.97 10.18
CA GLY A 7 1.09 2.99 9.80
C GLY A 7 0.76 2.90 8.33
N ARG A 8 0.78 1.68 7.81
CA ARG A 8 0.55 1.43 6.40
C ARG A 8 -0.88 1.00 6.13
N PRO A 9 -1.33 1.14 4.88
CA PRO A 9 -2.58 0.54 4.42
C PRO A 9 -2.49 -0.98 4.40
N THR A 10 -3.54 -1.65 4.83
CA THR A 10 -3.56 -3.11 4.83
C THR A 10 -3.95 -3.62 3.44
N CYS A 11 -4.60 -2.76 2.68
CA CYS A 11 -5.03 -3.02 1.30
C CYS A 11 -5.42 -4.48 1.06
N THR A 12 -6.60 -4.85 1.53
CA THR A 12 -7.06 -6.22 1.40
C THR A 12 -8.14 -6.33 0.31
N LYS A 13 -8.70 -5.19 -0.06
CA LYS A 13 -9.75 -5.14 -1.08
C LYS A 13 -9.18 -5.50 -2.45
N PRO A 14 -10.06 -5.88 -3.40
CA PRO A 14 -9.66 -6.04 -4.79
C PRO A 14 -9.16 -4.72 -5.38
N GLY A 15 -9.96 -3.67 -5.25
CA GLY A 15 -9.58 -2.38 -5.79
C GLY A 15 -9.39 -2.42 -7.28
N ASP A 16 -10.22 -3.21 -7.96
CA ASP A 16 -10.13 -3.34 -9.40
C ASP A 16 -10.93 -2.24 -10.09
N ASN A 17 -12.10 -1.94 -9.52
CA ASN A 17 -12.94 -0.87 -10.04
C ASN A 17 -12.67 0.43 -9.29
N ALA A 18 -11.65 0.41 -8.44
CA ALA A 18 -11.30 1.56 -7.65
C ALA A 18 -10.65 2.63 -8.51
N THR A 19 -10.79 3.89 -8.10
CA THR A 19 -10.30 5.01 -8.86
C THR A 19 -9.63 6.08 -7.97
N PRO A 20 -10.34 6.62 -6.95
CA PRO A 20 -9.77 7.64 -6.04
C PRO A 20 -8.56 7.14 -5.25
N GLU A 21 -8.10 7.94 -4.30
CA GLU A 21 -7.00 7.60 -3.40
C GLU A 21 -7.08 6.17 -2.85
N LYS A 22 -8.21 5.50 -3.02
CA LYS A 22 -8.32 4.09 -2.68
C LYS A 22 -7.22 3.29 -3.39
N LEU A 23 -6.83 3.74 -4.58
CA LEU A 23 -5.73 3.10 -5.30
C LEU A 23 -4.39 3.47 -4.72
N ALA A 24 -4.31 4.66 -4.13
CA ALA A 24 -3.07 5.16 -3.53
C ALA A 24 -2.61 4.21 -2.43
N LYS A 25 -3.54 3.47 -1.86
CA LYS A 25 -3.22 2.45 -0.88
C LYS A 25 -2.36 1.37 -1.51
N TYR A 26 -2.81 0.89 -2.66
CA TYR A 26 -2.12 -0.20 -3.34
C TYR A 26 -0.77 0.24 -3.84
N GLN A 27 -0.69 1.50 -4.23
CA GLN A 27 0.56 2.10 -4.65
C GLN A 27 1.57 2.05 -3.52
N ALA A 28 1.12 2.45 -2.34
CA ALA A 28 1.95 2.44 -1.14
C ALA A 28 2.30 1.01 -0.75
N CYS A 29 1.31 0.13 -0.81
CA CYS A 29 1.51 -1.28 -0.50
C CYS A 29 2.56 -1.88 -1.41
N TRP A 30 2.46 -1.58 -2.70
CA TRP A 30 3.39 -2.11 -3.68
C TRP A 30 4.79 -1.56 -3.50
N GLU A 31 4.89 -0.32 -3.03
CA GLU A 31 6.19 0.26 -2.73
C GLU A 31 6.80 -0.41 -1.51
N LEU A 32 5.95 -1.05 -0.71
CA LEU A 32 6.40 -1.81 0.43
C LEU A 32 6.82 -3.22 0.01
N LEU A 33 6.23 -3.73 -1.07
CA LEU A 33 6.62 -5.04 -1.59
C LEU A 33 8.01 -4.97 -2.21
N THR A 34 8.38 -3.78 -2.62
CA THR A 34 9.69 -3.54 -3.21
C THR A 34 10.65 -2.94 -2.18
N CYS A 35 10.25 -2.96 -0.92
CA CYS A 35 11.05 -2.39 0.15
C CYS A 35 11.12 -3.36 1.33
N PRO A 36 12.31 -3.52 1.94
CA PRO A 36 12.46 -4.36 3.12
C PRO A 36 11.62 -3.86 4.29
N PRO A 37 10.82 -4.75 4.90
CA PRO A 37 9.91 -4.40 5.98
C PRO A 37 10.58 -4.45 7.35
N CYS A 38 9.84 -4.06 8.37
CA CYS A 38 10.35 -4.05 9.73
C CYS A 38 10.46 -5.48 10.27
N SER A 1 11.28 8.00 2.48
CA SER A 1 11.08 7.26 3.74
C SER A 1 10.05 6.16 3.54
N CYS A 2 10.33 4.98 4.08
CA CYS A 2 9.43 3.84 3.93
C CYS A 2 8.63 3.63 5.21
N PRO A 3 7.29 3.66 5.12
CA PRO A 3 6.41 3.41 6.26
C PRO A 3 6.78 2.12 7.00
N PRO A 4 6.73 2.15 8.34
CA PRO A 4 7.12 1.01 9.16
C PRO A 4 6.12 -0.13 9.07
N CYS A 5 6.62 -1.33 8.83
CA CYS A 5 5.78 -2.51 8.64
C CYS A 5 5.08 -2.89 9.94
N HIS A 6 5.66 -2.48 11.06
CA HIS A 6 5.10 -2.77 12.39
C HIS A 6 3.72 -2.14 12.54
N GLY A 7 3.54 -0.99 11.94
CA GLY A 7 2.28 -0.28 12.02
C GLY A 7 1.91 0.36 10.69
N ARG A 8 2.05 -0.42 9.63
CA ARG A 8 1.80 0.09 8.29
C ARG A 8 0.30 0.11 7.98
N PRO A 9 -0.13 0.98 7.06
CA PRO A 9 -1.52 1.09 6.62
C PRO A 9 -2.14 -0.26 6.24
N THR A 10 -3.44 -0.38 6.45
CA THR A 10 -4.14 -1.65 6.27
C THR A 10 -4.47 -1.90 4.81
N CYS A 11 -4.19 -0.91 3.99
CA CYS A 11 -4.44 -0.97 2.55
C CYS A 11 -3.73 -2.16 1.90
N THR A 12 -4.50 -3.21 1.64
CA THR A 12 -3.97 -4.41 0.97
C THR A 12 -4.71 -4.68 -0.33
N LYS A 13 -5.81 -3.97 -0.55
CA LYS A 13 -6.56 -4.09 -1.80
C LYS A 13 -5.68 -3.77 -3.00
N PRO A 14 -5.86 -4.51 -4.10
CA PRO A 14 -5.07 -4.31 -5.32
C PRO A 14 -5.53 -3.11 -6.14
N GLY A 15 -6.69 -2.56 -5.81
CA GLY A 15 -7.22 -1.43 -6.55
C GLY A 15 -8.12 -1.88 -7.68
N ASP A 16 -8.54 -3.14 -7.65
CA ASP A 16 -9.42 -3.68 -8.68
C ASP A 16 -10.81 -3.09 -8.55
N ASN A 17 -11.27 -2.96 -7.32
CA ASN A 17 -12.59 -2.38 -7.04
C ASN A 17 -12.48 -0.87 -6.95
N ALA A 18 -11.31 -0.34 -7.28
CA ALA A 18 -11.03 1.07 -7.13
C ALA A 18 -10.83 1.73 -8.49
N THR A 19 -11.24 2.98 -8.60
CA THR A 19 -11.04 3.76 -9.81
C THR A 19 -10.54 5.21 -9.53
N PRO A 20 -10.96 5.90 -8.43
CA PRO A 20 -10.44 7.22 -8.09
C PRO A 20 -9.12 7.12 -7.35
N GLU A 21 -8.64 8.23 -6.80
CA GLU A 21 -7.43 8.26 -5.97
C GLU A 21 -7.36 7.10 -4.95
N LYS A 22 -8.48 6.39 -4.73
CA LYS A 22 -8.48 5.28 -3.81
C LYS A 22 -7.44 4.24 -4.22
N LEU A 23 -7.33 3.96 -5.52
CA LEU A 23 -6.36 2.98 -5.99
C LEU A 23 -4.95 3.54 -5.95
N ALA A 24 -4.83 4.85 -5.95
CA ALA A 24 -3.53 5.48 -5.84
C ALA A 24 -2.90 5.08 -4.53
N LYS A 25 -3.74 5.01 -3.50
CA LYS A 25 -3.33 4.52 -2.20
C LYS A 25 -2.84 3.09 -2.32
N TYR A 26 -3.70 2.23 -2.87
CA TYR A 26 -3.46 0.81 -2.87
C TYR A 26 -2.26 0.41 -3.71
N GLN A 27 -2.08 1.10 -4.82
CA GLN A 27 -0.93 0.84 -5.68
C GLN A 27 0.35 1.15 -4.94
N ALA A 28 0.36 2.26 -4.23
CA ALA A 28 1.51 2.66 -3.44
C ALA A 28 1.71 1.71 -2.26
N CYS A 29 0.60 1.32 -1.64
CA CYS A 29 0.64 0.36 -0.54
C CYS A 29 1.20 -0.97 -1.00
N TRP A 30 0.96 -1.32 -2.25
CA TRP A 30 1.48 -2.55 -2.82
C TRP A 30 2.94 -2.40 -3.19
N GLU A 31 3.34 -1.20 -3.57
CA GLU A 31 4.75 -0.93 -3.87
C GLU A 31 5.59 -1.04 -2.60
N LEU A 32 4.93 -0.87 -1.45
CA LEU A 32 5.61 -0.99 -0.16
C LEU A 32 6.08 -2.42 0.09
N LEU A 33 5.53 -3.37 -0.65
CA LEU A 33 5.92 -4.78 -0.49
C LEU A 33 7.32 -5.02 -1.02
N THR A 34 7.74 -4.17 -1.94
CA THR A 34 9.10 -4.21 -2.47
C THR A 34 10.08 -3.54 -1.52
N CYS A 35 9.55 -2.90 -0.49
CA CYS A 35 10.38 -2.25 0.51
C CYS A 35 10.81 -3.26 1.57
N PRO A 36 12.10 -3.25 1.94
CA PRO A 36 12.63 -4.12 2.99
C PRO A 36 11.85 -3.98 4.29
N PRO A 37 11.51 -5.13 4.93
CA PRO A 37 10.74 -5.13 6.16
C PRO A 37 11.56 -4.66 7.37
N CYS A 38 10.90 -4.54 8.49
CA CYS A 38 11.51 -3.97 9.68
C CYS A 38 12.46 -4.97 10.33
#